data_8FTT
#
_entry.id   8FTT
#
_cell.length_a   121.806
_cell.length_b   76.022
_cell.length_c   75.767
_cell.angle_alpha   90.000
_cell.angle_beta   90.000
_cell.angle_gamma   90.000
#
_symmetry.space_group_name_H-M   'P 21 21 2'
#
loop_
_entity.id
_entity.type
_entity.pdbx_description
1 polymer 'Anti-NEIL1 Nanobody'
2 non-polymer 'SULFATE ION'
3 water water
#
_entity_poly.entity_id   1
_entity_poly.type   'polypeptide(L)'
_entity_poly.pdbx_seq_one_letter_code
;MAEVQLQASGGGFVQPGGSLRLSCAASGATSERDIMGWFRQAPGKEREFVSAISYEPGGWHYYADSVKGRFTISRDNSKN
TVYLQMNSLRAEDTATYYCAWQEIMYGEAYWRYWGQGTQVTVSSENLYFQ
;
_entity_poly.pdbx_strand_id   A,B,C,D
#
loop_
_chem_comp.id
_chem_comp.type
_chem_comp.name
_chem_comp.formula
SO4 non-polymer 'SULFATE ION' 'O4 S -2'
#
# COMPACT_ATOMS: atom_id res chain seq x y z
N GLU A 3 -5.03 8.69 -6.89
CA GLU A 3 -5.58 9.83 -7.63
C GLU A 3 -6.69 10.51 -6.84
N VAL A 4 -7.30 9.77 -5.92
CA VAL A 4 -8.38 10.27 -5.08
C VAL A 4 -7.83 10.44 -3.67
N GLN A 5 -7.84 11.68 -3.18
CA GLN A 5 -7.35 11.99 -1.84
C GLN A 5 -8.45 12.64 -1.02
N LEU A 6 -8.41 12.37 0.28
CA LEU A 6 -9.44 12.80 1.23
C LEU A 6 -9.02 14.11 1.89
N GLN A 7 -9.96 15.04 1.97
CA GLN A 7 -9.70 16.36 2.55
C GLN A 7 -10.45 16.48 3.87
N ALA A 8 -9.69 16.63 4.96
CA ALA A 8 -10.27 16.95 6.25
C ALA A 8 -10.51 18.44 6.36
N SER A 9 -11.62 18.81 7.00
CA SER A 9 -11.99 20.21 7.12
C SER A 9 -12.79 20.40 8.38
N GLY A 10 -12.92 21.66 8.81
CA GLY A 10 -13.68 22.00 9.99
C GLY A 10 -12.87 22.27 11.24
N GLY A 11 -11.56 22.38 11.14
CA GLY A 11 -10.74 22.72 12.29
C GLY A 11 -10.95 24.17 12.69
N GLY A 12 -10.21 24.56 13.73
CA GLY A 12 -10.30 25.92 14.19
C GLY A 12 -9.71 26.08 15.58
N PHE A 13 -9.89 27.27 16.13
CA PHE A 13 -9.39 27.63 17.45
C PHE A 13 -10.51 27.48 18.47
N VAL A 14 -10.21 26.77 19.57
CA VAL A 14 -11.20 26.47 20.59
C VAL A 14 -10.51 26.47 21.95
N GLN A 15 -11.30 26.63 22.99
CA GLN A 15 -10.79 26.58 24.35
C GLN A 15 -10.91 25.16 24.90
N PRO A 16 -10.10 24.82 25.90
CA PRO A 16 -10.28 23.52 26.58
C PRO A 16 -11.71 23.34 27.05
N GLY A 17 -12.24 22.15 26.81
CA GLY A 17 -13.63 21.86 27.10
C GLY A 17 -14.61 22.22 26.00
N GLY A 18 -14.13 22.83 24.91
CA GLY A 18 -14.97 23.14 23.79
C GLY A 18 -15.21 21.95 22.89
N SER A 19 -15.95 22.18 21.82
CA SER A 19 -16.30 21.12 20.88
C SER A 19 -15.98 21.57 19.46
N LEU A 20 -15.74 20.58 18.59
CA LEU A 20 -15.51 20.82 17.18
C LEU A 20 -15.97 19.60 16.41
N ARG A 21 -16.56 19.81 15.24
CA ARG A 21 -17.01 18.73 14.37
C ARG A 21 -16.23 18.83 13.05
N LEU A 22 -15.16 18.06 12.94
CA LEU A 22 -14.48 17.94 11.66
C LEU A 22 -15.34 17.13 10.70
N SER A 23 -14.95 17.16 9.43
CA SER A 23 -15.69 16.43 8.41
C SER A 23 -14.73 16.02 7.30
N CYS A 24 -15.18 15.06 6.50
CA CYS A 24 -14.38 14.54 5.40
C CYS A 24 -15.27 13.79 4.41
N ALA A 25 -15.31 14.23 3.17
CA ALA A 25 -16.13 13.57 2.17
C ALA A 25 -15.56 12.20 1.84
N ALA A 26 -16.42 11.17 1.82
CA ALA A 26 -15.98 9.82 1.48
C ALA A 26 -15.70 9.74 -0.01
N SER A 27 -14.58 10.33 -0.41
CA SER A 27 -14.22 10.43 -1.81
C SER A 27 -13.60 9.12 -2.28
N GLY A 28 -14.12 8.59 -3.39
CA GLY A 28 -13.63 7.34 -3.92
C GLY A 28 -13.97 6.13 -3.07
N ALA A 29 -15.03 6.21 -2.26
CA ALA A 29 -15.42 5.08 -1.43
C ALA A 29 -15.96 3.96 -2.30
N THR A 30 -15.46 2.74 -2.07
CA THR A 30 -15.94 1.55 -2.76
C THR A 30 -16.10 0.44 -1.74
N SER A 31 -16.53 -0.73 -2.22
CA SER A 31 -16.55 -1.91 -1.36
C SER A 31 -15.15 -2.35 -0.99
N GLU A 32 -14.14 -1.90 -1.73
CA GLU A 32 -12.75 -2.27 -1.43
C GLU A 32 -12.15 -1.34 -0.37
N ARG A 33 -12.32 -0.04 -0.53
CA ARG A 33 -11.85 0.93 0.45
C ARG A 33 -13.07 1.56 1.11
N ASP A 34 -13.32 1.16 2.37
CA ASP A 34 -14.49 1.62 3.09
C ASP A 34 -14.20 1.75 4.58
N ILE A 35 -12.94 1.87 4.97
CA ILE A 35 -12.55 2.06 6.36
C ILE A 35 -11.73 3.34 6.39
N MET A 36 -12.37 4.47 6.70
CA MET A 36 -11.66 5.73 6.77
C MET A 36 -11.18 5.94 8.20
N GLY A 37 -9.86 6.05 8.35
CA GLY A 37 -9.25 6.33 9.63
C GLY A 37 -8.86 7.79 9.73
N TRP A 38 -8.83 8.30 10.95
CA TRP A 38 -8.40 9.66 11.25
C TRP A 38 -7.09 9.59 12.01
N PHE A 39 -6.12 10.42 11.61
CA PHE A 39 -4.87 10.54 12.33
C PHE A 39 -4.49 12.01 12.44
N ARG A 40 -3.94 12.38 13.58
CA ARG A 40 -3.53 13.74 13.85
C ARG A 40 -2.02 13.79 14.07
N GLN A 41 -1.42 14.93 13.73
CA GLN A 41 0.02 15.11 13.86
C GLN A 41 0.29 16.50 14.43
N ALA A 42 0.57 16.55 15.72
CA ALA A 42 1.03 17.79 16.32
C ALA A 42 2.37 18.18 15.70
N PRO A 43 2.64 19.48 15.53
CA PRO A 43 3.92 19.88 14.94
C PRO A 43 5.10 19.38 15.76
N GLY A 44 6.08 18.81 15.07
CA GLY A 44 7.24 18.23 15.71
C GLY A 44 7.04 16.82 16.23
N LYS A 45 5.80 16.38 16.41
CA LYS A 45 5.51 15.05 16.92
C LYS A 45 5.15 14.11 15.75
N GLU A 46 5.13 12.82 16.06
CA GLU A 46 4.84 11.81 15.05
C GLU A 46 3.34 11.68 14.84
N ARG A 47 2.97 10.99 13.76
CA ARG A 47 1.56 10.75 13.47
C ARG A 47 0.94 9.90 14.57
N GLU A 48 -0.29 10.23 14.93
CA GLU A 48 -1.05 9.50 15.94
C GLU A 48 -2.43 9.19 15.40
N PHE A 49 -2.73 7.91 15.23
CA PHE A 49 -4.06 7.51 14.80
C PHE A 49 -5.08 7.88 15.86
N VAL A 50 -6.27 8.27 15.41
CA VAL A 50 -7.28 8.87 16.29
C VAL A 50 -8.54 8.01 16.33
N SER A 51 -9.17 7.81 15.16
CA SER A 51 -10.44 7.11 15.11
C SER A 51 -10.65 6.57 13.71
N ALA A 52 -11.48 5.52 13.62
CA ALA A 52 -11.80 4.92 12.33
C ALA A 52 -13.25 4.47 12.32
N ILE A 53 -13.81 4.39 11.12
CA ILE A 53 -15.18 3.92 10.93
C ILE A 53 -15.20 2.99 9.74
N SER A 54 -15.99 1.92 9.83
CA SER A 54 -16.27 1.09 8.67
C SER A 54 -17.39 1.74 7.87
N TYR A 55 -17.10 2.14 6.64
CA TYR A 55 -18.05 2.92 5.84
C TYR A 55 -19.05 2.01 5.13
N GLU A 56 -19.73 1.19 5.93
CA GLU A 56 -20.76 0.28 5.47
C GLU A 56 -21.88 0.27 6.50
N PRO A 57 -23.10 -0.06 6.09
CA PRO A 57 -24.19 -0.21 7.06
C PRO A 57 -23.80 -1.14 8.21
N GLY A 58 -24.21 -0.76 9.42
CA GLY A 58 -23.78 -1.46 10.60
C GLY A 58 -22.30 -1.35 10.91
N GLY A 59 -21.59 -0.41 10.27
CA GLY A 59 -20.16 -0.32 10.46
C GLY A 59 -19.79 0.03 11.89
N TRP A 60 -18.60 -0.41 12.28
CA TRP A 60 -18.11 -0.22 13.64
C TRP A 60 -17.45 1.15 13.79
N HIS A 61 -17.25 1.55 15.04
CA HIS A 61 -16.65 2.84 15.38
C HIS A 61 -15.45 2.59 16.30
N TYR A 62 -14.24 2.81 15.79
CA TYR A 62 -13.04 2.65 16.57
C TYR A 62 -12.56 4.01 17.08
N TYR A 63 -12.13 4.03 18.35
CA TYR A 63 -11.54 5.22 18.95
C TYR A 63 -10.29 4.82 19.72
N ALA A 64 -9.25 5.63 19.59
CA ALA A 64 -8.07 5.44 20.41
C ALA A 64 -8.38 5.72 21.87
N ASP A 65 -7.53 5.19 22.75
CA ASP A 65 -7.77 5.34 24.18
C ASP A 65 -7.67 6.80 24.61
N SER A 66 -6.90 7.61 23.89
CA SER A 66 -6.77 9.03 24.23
C SER A 66 -8.10 9.75 24.01
N VAL A 67 -8.78 9.47 22.91
CA VAL A 67 -9.99 10.19 22.54
C VAL A 67 -11.26 9.42 22.84
N LYS A 68 -11.15 8.21 23.40
CA LYS A 68 -12.32 7.40 23.68
C LYS A 68 -13.19 8.09 24.73
N GLY A 69 -14.49 8.13 24.46
CA GLY A 69 -15.44 8.79 25.34
C GLY A 69 -15.68 10.26 25.05
N ARG A 70 -14.70 10.93 24.44
CA ARG A 70 -14.82 12.33 24.08
C ARG A 70 -15.14 12.54 22.61
N PHE A 71 -14.59 11.70 21.74
CA PHE A 71 -14.82 11.81 20.31
C PHE A 71 -15.97 10.88 19.90
N THR A 72 -16.51 11.13 18.71
CA THR A 72 -17.60 10.31 18.20
C THR A 72 -17.59 10.39 16.68
N ILE A 73 -17.09 9.35 16.03
CA ILE A 73 -17.14 9.27 14.57
C ILE A 73 -18.54 8.86 14.15
N SER A 74 -18.92 9.28 12.95
CA SER A 74 -20.26 9.04 12.43
C SER A 74 -20.20 9.23 10.92
N ARG A 75 -21.37 9.19 10.27
CA ARG A 75 -21.41 9.33 8.83
C ARG A 75 -22.79 9.77 8.40
N ASP A 76 -22.85 10.36 7.21
CA ASP A 76 -24.10 10.74 6.57
C ASP A 76 -24.08 10.13 5.18
N ASN A 77 -24.88 9.07 4.97
CA ASN A 77 -24.88 8.40 3.68
C ASN A 77 -25.45 9.31 2.60
N SER A 78 -26.47 10.10 2.93
CA SER A 78 -27.05 11.00 1.94
C SER A 78 -26.03 12.03 1.46
N LYS A 79 -25.15 12.47 2.36
CA LYS A 79 -24.10 13.42 2.01
C LYS A 79 -22.76 12.77 1.70
N ASN A 80 -22.66 11.45 1.88
CA ASN A 80 -21.42 10.71 1.63
C ASN A 80 -20.25 11.33 2.38
N THR A 81 -20.44 11.58 3.66
CA THR A 81 -19.46 12.29 4.46
C THR A 81 -19.34 11.65 5.84
N VAL A 82 -18.11 11.52 6.32
CA VAL A 82 -17.82 11.05 7.66
C VAL A 82 -17.53 12.26 8.53
N TYR A 83 -18.13 12.27 9.72
CA TYR A 83 -17.92 13.34 10.69
C TYR A 83 -17.16 12.80 11.90
N LEU A 84 -16.29 13.64 12.46
CA LEU A 84 -15.60 13.33 13.71
C LEU A 84 -16.01 14.41 14.72
N GLN A 85 -17.07 14.12 15.49
CA GLN A 85 -17.56 15.02 16.51
C GLN A 85 -16.63 14.97 17.72
N MET A 86 -15.92 16.07 17.97
CA MET A 86 -14.99 16.18 19.08
C MET A 86 -15.66 16.96 20.21
N ASN A 87 -15.76 16.35 21.37
CA ASN A 87 -16.28 17.01 22.56
C ASN A 87 -15.22 16.92 23.67
N SER A 88 -15.41 17.75 24.69
CA SER A 88 -14.48 17.83 25.82
C SER A 88 -13.05 18.00 25.34
N LEU A 89 -12.86 18.95 24.42
CA LEU A 89 -11.55 19.13 23.81
C LEU A 89 -10.51 19.55 24.83
N ARG A 90 -9.29 19.06 24.65
CA ARG A 90 -8.21 19.29 25.57
C ARG A 90 -7.04 19.91 24.82
N ALA A 91 -6.09 20.47 25.58
CA ALA A 91 -4.90 21.04 24.98
C ALA A 91 -4.10 20.01 24.20
N GLU A 92 -4.25 18.72 24.53
CA GLU A 92 -3.51 17.67 23.85
C GLU A 92 -4.06 17.34 22.47
N ASP A 93 -5.33 17.65 22.22
CA ASP A 93 -5.91 17.43 20.90
C ASP A 93 -5.46 18.45 19.87
N THR A 94 -4.53 19.34 20.22
CA THR A 94 -4.04 20.35 19.30
C THR A 94 -3.14 19.70 18.26
N ALA A 95 -3.63 19.58 17.03
CA ALA A 95 -2.86 18.96 15.95
C ALA A 95 -3.58 19.24 14.64
N THR A 96 -2.92 18.87 13.55
CA THR A 96 -3.53 18.86 12.23
C THR A 96 -4.10 17.47 11.96
N TYR A 97 -5.38 17.42 11.61
CA TYR A 97 -6.11 16.16 11.47
C TYR A 97 -6.33 15.84 10.01
N TYR A 98 -6.07 14.60 9.64
CA TYR A 98 -6.31 14.13 8.28
C TYR A 98 -7.23 12.92 8.31
N CYS A 99 -7.89 12.68 7.17
CA CYS A 99 -8.69 11.49 6.96
C CYS A 99 -8.07 10.67 5.84
N ALA A 100 -8.05 9.36 6.02
CA ALA A 100 -7.37 8.47 5.09
C ALA A 100 -8.21 7.23 4.86
N TRP A 101 -8.04 6.62 3.68
CA TRP A 101 -8.65 5.33 3.38
C TRP A 101 -7.66 4.22 3.74
N GLN A 102 -8.18 3.15 4.33
CA GLN A 102 -7.34 1.98 4.58
C GLN A 102 -7.21 1.17 3.29
N GLU A 103 -5.99 0.79 2.96
CA GLU A 103 -5.72 -0.09 1.82
C GLU A 103 -4.70 -1.13 2.24
N ILE A 104 -4.94 -2.37 1.81
CA ILE A 104 -4.05 -3.47 2.10
C ILE A 104 -2.94 -3.48 1.06
N MET A 105 -1.69 -3.32 1.52
CA MET A 105 -0.52 -3.51 0.68
C MET A 105 0.47 -4.37 1.43
N TYR A 106 1.16 -5.25 0.70
CA TYR A 106 2.10 -6.22 1.29
C TYR A 106 1.43 -7.04 2.38
N GLY A 107 0.12 -7.25 2.25
CA GLY A 107 -0.63 -8.03 3.21
C GLY A 107 -0.91 -7.36 4.53
N GLU A 108 -0.63 -6.07 4.66
CA GLU A 108 -0.84 -5.34 5.90
C GLU A 108 -1.72 -4.13 5.66
N ALA A 109 -2.36 -3.67 6.73
CA ALA A 109 -3.29 -2.55 6.64
C ALA A 109 -2.51 -1.23 6.62
N TYR A 110 -2.69 -0.46 5.54
CA TYR A 110 -2.05 0.84 5.39
C TYR A 110 -3.11 1.93 5.33
N TRP A 111 -2.75 3.11 5.81
CA TRP A 111 -3.56 4.31 5.64
C TRP A 111 -3.05 5.08 4.44
N ARG A 112 -3.95 5.39 3.50
CA ARG A 112 -3.57 5.99 2.24
C ARG A 112 -4.54 7.12 1.89
N TYR A 113 -4.15 7.89 0.86
CA TYR A 113 -5.05 8.83 0.18
C TYR A 113 -5.50 9.97 1.09
N TRP A 114 -4.66 10.41 2.02
CA TRP A 114 -4.96 11.61 2.79
C TRP A 114 -4.48 12.84 2.03
N GLY A 115 -5.29 13.88 2.05
CA GLY A 115 -4.95 15.11 1.35
C GLY A 115 -4.64 16.25 2.29
N GLN A 116 -5.46 17.29 2.24
CA GLN A 116 -5.24 18.46 3.08
C GLN A 116 -5.78 18.21 4.48
N GLY A 117 -4.94 18.39 5.48
CA GLY A 117 -5.39 18.31 6.85
C GLY A 117 -6.14 19.56 7.28
N THR A 118 -6.73 19.50 8.46
CA THR A 118 -7.39 20.63 9.07
C THR A 118 -6.74 20.90 10.42
N GLN A 119 -6.31 22.15 10.63
CA GLN A 119 -5.60 22.49 11.85
C GLN A 119 -6.60 22.70 12.98
N VAL A 120 -6.24 22.20 14.16
CA VAL A 120 -7.03 22.37 15.37
C VAL A 120 -6.11 22.87 16.46
N THR A 121 -6.52 23.93 17.15
CA THR A 121 -5.76 24.48 18.26
C THR A 121 -6.70 24.63 19.44
N VAL A 122 -6.31 24.04 20.57
CA VAL A 122 -7.12 24.04 21.78
C VAL A 122 -6.32 24.73 22.86
N SER A 123 -6.78 25.90 23.30
CA SER A 123 -6.07 26.66 24.32
C SER A 123 -6.96 27.81 24.77
N SER A 124 -6.68 28.29 25.98
CA SER A 124 -7.35 29.49 26.47
C SER A 124 -6.99 30.69 25.60
N GLU A 125 -7.89 31.66 25.56
CA GLU A 125 -7.69 32.85 24.74
C GLU A 125 -7.73 34.14 25.53
N ASN A 126 -8.03 34.10 26.82
CA ASN A 126 -8.19 35.28 27.66
C ASN A 126 -7.15 35.32 28.77
N LEU A 127 -5.93 34.89 28.45
CA LEU A 127 -4.81 34.96 29.38
C LEU A 127 -3.74 35.85 28.78
N TYR A 128 -3.20 36.77 29.57
CA TYR A 128 -2.29 37.78 29.07
C TYR A 128 -1.11 37.93 30.03
N PHE A 129 0.08 38.11 29.45
CA PHE A 129 1.29 38.38 30.22
C PHE A 129 2.30 38.95 29.24
N GLN A 130 2.82 40.14 29.53
CA GLN A 130 3.72 40.81 28.59
C GLN A 130 5.08 40.14 28.53
N GLU B 3 15.95 -12.34 8.82
CA GLU B 3 15.07 -13.36 9.36
C GLU B 3 14.07 -13.82 8.31
N VAL B 4 13.52 -12.86 7.56
CA VAL B 4 12.56 -13.14 6.50
C VAL B 4 13.32 -13.41 5.21
N GLN B 5 13.00 -14.52 4.54
CA GLN B 5 13.70 -14.94 3.34
C GLN B 5 12.72 -15.17 2.21
N LEU B 6 13.09 -14.74 1.02
CA LEU B 6 12.26 -14.90 -0.17
C LEU B 6 12.50 -16.27 -0.78
N GLN B 7 11.42 -16.96 -1.13
CA GLN B 7 11.49 -18.33 -1.63
C GLN B 7 11.00 -18.35 -3.07
N ALA B 8 11.91 -18.61 -4.00
CA ALA B 8 11.54 -18.73 -5.41
C ALA B 8 10.90 -20.10 -5.68
N SER B 9 10.02 -20.12 -6.67
CA SER B 9 9.34 -21.35 -7.04
C SER B 9 8.76 -21.18 -8.45
N GLY B 10 8.44 -22.30 -9.08
CA GLY B 10 7.85 -22.29 -10.40
C GLY B 10 8.75 -22.77 -11.51
N GLY B 11 9.96 -23.23 -11.20
CA GLY B 11 10.87 -23.70 -12.22
C GLY B 11 10.66 -25.16 -12.58
N GLY B 12 11.42 -25.61 -13.57
CA GLY B 12 11.33 -26.99 -14.01
C GLY B 12 12.11 -27.20 -15.28
N PHE B 13 11.73 -28.25 -16.01
CA PHE B 13 12.34 -28.58 -17.28
C PHE B 13 11.50 -28.01 -18.41
N VAL B 14 12.18 -27.45 -19.41
CA VAL B 14 11.52 -26.84 -20.56
C VAL B 14 12.50 -26.89 -21.73
N GLN B 15 11.96 -26.91 -22.93
CA GLN B 15 12.78 -26.96 -24.14
C GLN B 15 13.09 -25.53 -24.60
N PRO B 16 14.12 -25.37 -25.42
CA PRO B 16 14.44 -24.03 -25.94
C PRO B 16 13.25 -23.41 -26.65
N GLY B 17 13.13 -22.09 -26.51
CA GLY B 17 11.99 -21.38 -27.05
C GLY B 17 10.71 -21.55 -26.26
N GLY B 18 10.78 -22.12 -25.06
CA GLY B 18 9.61 -22.30 -24.22
C GLY B 18 9.47 -21.17 -23.21
N SER B 19 8.50 -21.35 -22.31
CA SER B 19 8.16 -20.34 -21.32
C SER B 19 8.16 -20.93 -19.93
N LEU B 20 8.33 -20.05 -18.93
CA LEU B 20 8.24 -20.43 -17.53
C LEU B 20 7.86 -19.18 -16.74
N ARG B 21 6.97 -19.35 -15.77
CA ARG B 21 6.51 -18.25 -14.94
C ARG B 21 6.87 -18.57 -13.49
N LEU B 22 8.05 -18.13 -13.07
CA LEU B 22 8.45 -18.26 -11.68
C LEU B 22 7.62 -17.32 -10.81
N SER B 23 7.65 -17.57 -9.51
CA SER B 23 6.89 -16.79 -8.55
C SER B 23 7.71 -16.66 -7.27
N CYS B 24 7.51 -15.53 -6.58
CA CYS B 24 8.15 -15.32 -5.29
C CYS B 24 7.20 -14.49 -4.44
N ALA B 25 6.80 -15.04 -3.29
CA ALA B 25 5.97 -14.30 -2.35
C ALA B 25 6.78 -13.18 -1.72
N ALA B 26 6.26 -11.95 -1.83
CA ALA B 26 6.94 -10.78 -1.28
C ALA B 26 6.82 -10.79 0.25
N SER B 27 7.47 -11.77 0.85
CA SER B 27 7.40 -11.95 2.28
C SER B 27 8.23 -10.88 2.99
N GLY B 28 7.64 -10.24 3.99
CA GLY B 28 8.33 -9.20 4.72
C GLY B 28 8.47 -7.88 3.98
N ALA B 29 7.59 -7.62 3.02
CA ALA B 29 7.66 -6.39 2.24
C ALA B 29 7.10 -5.21 3.03
N THR B 30 7.79 -4.07 2.93
CA THR B 30 7.33 -2.84 3.55
C THR B 30 7.53 -1.71 2.53
N SER B 31 7.51 -0.47 3.01
CA SER B 31 7.81 0.66 2.15
C SER B 31 9.31 0.88 2.02
N GLU B 32 10.06 0.59 3.08
CA GLU B 32 11.52 0.65 3.00
C GLU B 32 12.03 -0.37 2.00
N ARG B 33 11.75 -1.65 2.22
CA ARG B 33 12.13 -2.71 1.30
C ARG B 33 10.93 -3.04 0.41
N ASP B 34 11.03 -2.65 -0.85
CA ASP B 34 9.96 -2.96 -1.81
C ASP B 34 10.54 -3.15 -3.21
N ILE B 35 11.84 -3.22 -3.37
CA ILE B 35 12.49 -3.46 -4.64
C ILE B 35 13.00 -4.90 -4.61
N MET B 36 12.26 -5.80 -5.24
CA MET B 36 12.62 -7.21 -5.31
C MET B 36 13.53 -7.45 -6.50
N GLY B 37 14.63 -8.15 -6.27
CA GLY B 37 15.57 -8.49 -7.32
C GLY B 37 15.48 -9.97 -7.66
N TRP B 38 15.70 -10.29 -8.94
CA TRP B 38 15.79 -11.66 -9.41
C TRP B 38 17.18 -11.89 -9.97
N PHE B 39 17.87 -12.88 -9.43
CA PHE B 39 19.15 -13.31 -9.99
C PHE B 39 19.17 -14.82 -10.14
N ARG B 40 20.06 -15.29 -11.01
CA ARG B 40 20.23 -16.70 -11.28
C ARG B 40 21.69 -17.06 -11.12
N GLN B 41 21.96 -18.34 -10.87
CA GLN B 41 23.33 -18.81 -10.70
C GLN B 41 23.45 -20.20 -11.32
N ALA B 42 24.19 -20.29 -12.42
CA ALA B 42 24.56 -21.58 -12.97
C ALA B 42 25.50 -22.30 -12.01
N PRO B 43 25.58 -23.63 -12.09
CA PRO B 43 26.50 -24.36 -11.22
C PRO B 43 27.94 -23.96 -11.47
N GLY B 44 28.64 -23.60 -10.40
CA GLY B 44 30.04 -23.23 -10.47
C GLY B 44 30.32 -21.86 -11.05
N LYS B 45 29.31 -21.07 -11.37
CA LYS B 45 29.48 -19.73 -11.90
C LYS B 45 29.08 -18.70 -10.86
N GLU B 46 29.33 -17.43 -11.19
CA GLU B 46 28.96 -16.32 -10.31
C GLU B 46 27.51 -15.92 -10.55
N ARG B 47 26.89 -15.39 -9.51
CA ARG B 47 25.49 -14.99 -9.60
C ARG B 47 25.31 -13.90 -10.66
N GLU B 48 24.20 -13.96 -11.37
CA GLU B 48 23.91 -13.04 -12.46
C GLU B 48 22.56 -12.40 -12.22
N PHE B 49 22.56 -11.08 -12.02
CA PHE B 49 21.31 -10.35 -11.90
C PHE B 49 20.49 -10.51 -13.18
N VAL B 50 19.17 -10.56 -13.02
CA VAL B 50 18.29 -10.87 -14.14
C VAL B 50 17.20 -9.82 -14.28
N SER B 51 16.48 -9.54 -13.21
CA SER B 51 15.36 -8.61 -13.29
C SER B 51 15.03 -8.08 -11.91
N ALA B 52 14.44 -6.90 -11.87
CA ALA B 52 14.05 -6.28 -10.62
C ALA B 52 12.77 -5.48 -10.82
N ILE B 53 11.99 -5.36 -9.76
CA ILE B 53 10.74 -4.63 -9.77
C ILE B 53 10.66 -3.76 -8.53
N SER B 54 10.04 -2.60 -8.68
CA SER B 54 9.69 -1.76 -7.54
C SER B 54 8.28 -2.15 -7.12
N TYR B 55 8.17 -2.85 -6.00
CA TYR B 55 6.88 -3.35 -5.53
C TYR B 55 6.14 -2.22 -4.80
N GLU B 56 5.67 -1.27 -5.60
CA GLU B 56 4.93 -0.12 -5.10
C GLU B 56 4.15 0.46 -6.27
N PRO B 57 3.05 1.17 -6.00
CA PRO B 57 2.24 1.72 -7.09
C PRO B 57 3.10 2.57 -8.03
N GLY B 58 2.90 2.37 -9.33
CA GLY B 58 3.73 3.03 -10.31
C GLY B 58 5.17 2.57 -10.34
N GLY B 59 5.46 1.42 -9.73
CA GLY B 59 6.83 0.94 -9.69
C GLY B 59 7.37 0.63 -11.07
N TRP B 60 8.68 0.71 -11.19
CA TRP B 60 9.37 0.46 -12.44
C TRP B 60 9.68 -1.03 -12.59
N HIS B 61 10.15 -1.39 -13.78
CA HIS B 61 10.57 -2.76 -14.08
C HIS B 61 11.91 -2.70 -14.80
N TYR B 62 12.91 -3.35 -14.25
CA TYR B 62 14.25 -3.39 -14.83
C TYR B 62 14.60 -4.82 -15.23
N TYR B 63 15.19 -4.97 -16.42
CA TYR B 63 15.66 -6.25 -16.91
C TYR B 63 17.11 -6.12 -17.35
N ALA B 64 17.91 -7.12 -17.02
CA ALA B 64 19.27 -7.18 -17.52
C ALA B 64 19.26 -7.31 -19.04
N ASP B 65 20.42 -7.03 -19.65
CA ASP B 65 20.50 -7.01 -21.10
C ASP B 65 20.36 -8.40 -21.71
N SER B 66 20.81 -9.43 -20.99
CA SER B 66 20.74 -10.80 -21.53
C SER B 66 19.30 -11.25 -21.71
N VAL B 67 18.41 -10.88 -20.79
CA VAL B 67 17.02 -11.33 -20.81
C VAL B 67 16.04 -10.26 -21.25
N LYS B 68 16.48 -9.03 -21.47
CA LYS B 68 15.57 -7.95 -21.86
C LYS B 68 14.87 -8.29 -23.17
N GLY B 69 13.56 -8.03 -23.20
CA GLY B 69 12.73 -8.40 -24.31
C GLY B 69 12.15 -9.79 -24.23
N ARG B 70 12.78 -10.68 -23.46
CA ARG B 70 12.31 -12.05 -23.27
C ARG B 70 11.62 -12.25 -21.93
N PHE B 71 12.13 -11.61 -20.87
CA PHE B 71 11.55 -11.72 -19.55
C PHE B 71 10.58 -10.58 -19.29
N THR B 72 9.69 -10.79 -18.33
CA THR B 72 8.68 -9.80 -17.98
C THR B 72 8.33 -9.99 -16.51
N ILE B 73 8.76 -9.07 -15.68
CA ILE B 73 8.46 -9.11 -14.26
C ILE B 73 7.13 -8.39 -14.02
N SER B 74 6.40 -8.82 -13.00
CA SER B 74 5.08 -8.29 -12.73
C SER B 74 4.75 -8.54 -11.26
N ARG B 75 3.59 -8.06 -10.83
CA ARG B 75 3.20 -8.22 -9.43
C ARG B 75 1.70 -8.40 -9.34
N ASP B 76 1.27 -9.11 -8.30
CA ASP B 76 -0.14 -9.28 -7.97
C ASP B 76 -0.34 -8.72 -6.58
N ASN B 77 -1.00 -7.57 -6.49
CA ASN B 77 -1.14 -6.91 -5.19
C ASN B 77 -1.96 -7.74 -4.22
N SER B 78 -3.01 -8.40 -4.72
CA SER B 78 -3.86 -9.20 -3.84
C SER B 78 -3.12 -10.39 -3.26
N LYS B 79 -2.34 -11.08 -4.09
CA LYS B 79 -1.63 -12.28 -3.65
C LYS B 79 -0.26 -11.98 -3.04
N ASN B 80 0.21 -10.74 -3.14
CA ASN B 80 1.51 -10.35 -2.58
C ASN B 80 2.64 -11.18 -3.19
N THR B 81 2.55 -11.44 -4.49
CA THR B 81 3.50 -12.31 -5.17
C THR B 81 4.00 -11.63 -6.43
N VAL B 82 5.32 -11.66 -6.64
CA VAL B 82 5.96 -11.12 -7.83
C VAL B 82 6.24 -12.28 -8.77
N TYR B 83 5.90 -12.12 -10.05
CA TYR B 83 6.09 -13.14 -11.06
C TYR B 83 7.14 -12.69 -12.06
N LEU B 84 8.06 -13.59 -12.40
CA LEU B 84 9.04 -13.38 -13.45
C LEU B 84 8.66 -14.29 -14.63
N GLN B 85 7.92 -13.73 -15.58
CA GLN B 85 7.44 -14.48 -16.73
C GLN B 85 8.56 -14.57 -17.77
N MET B 86 9.09 -15.76 -17.98
CA MET B 86 10.19 -15.99 -18.90
C MET B 86 9.64 -16.55 -20.20
N ASN B 87 10.02 -15.92 -21.31
CA ASN B 87 9.64 -16.36 -22.64
C ASN B 87 10.89 -16.55 -23.48
N SER B 88 10.72 -17.24 -24.61
CA SER B 88 11.80 -17.52 -25.55
C SER B 88 13.03 -18.04 -24.82
N LEU B 89 12.80 -18.99 -23.90
CA LEU B 89 13.87 -19.51 -23.06
C LEU B 89 14.93 -20.20 -23.90
N ARG B 90 16.18 -20.03 -23.50
CA ARG B 90 17.33 -20.60 -24.19
C ARG B 90 18.16 -21.39 -23.20
N ALA B 91 19.08 -22.19 -23.75
CA ALA B 91 19.91 -23.05 -22.91
C ALA B 91 20.70 -22.25 -21.88
N GLU B 92 21.12 -21.03 -22.24
CA GLU B 92 21.90 -20.20 -21.33
C GLU B 92 21.09 -19.78 -20.11
N ASP B 93 19.77 -19.78 -20.20
CA ASP B 93 18.91 -19.47 -19.06
C ASP B 93 18.83 -20.59 -18.05
N THR B 94 19.61 -21.67 -18.22
CA THR B 94 19.61 -22.76 -17.26
C THR B 94 20.43 -22.34 -16.04
N ALA B 95 19.76 -22.19 -14.91
CA ALA B 95 20.40 -21.84 -13.65
C ALA B 95 19.35 -21.99 -12.55
N THR B 96 19.79 -21.87 -11.31
CA THR B 96 18.89 -21.77 -10.18
C THR B 96 18.58 -20.30 -9.94
N TYR B 97 17.30 -19.95 -9.98
CA TYR B 97 16.86 -18.55 -9.90
C TYR B 97 16.39 -18.23 -8.49
N TYR B 98 16.87 -17.09 -7.97
CA TYR B 98 16.50 -16.62 -6.64
C TYR B 98 15.81 -15.27 -6.74
N CYS B 99 15.08 -14.92 -5.69
CA CYS B 99 14.50 -13.61 -5.52
C CYS B 99 15.07 -12.97 -4.27
N ALA B 100 15.35 -11.67 -4.32
CA ALA B 100 15.98 -10.98 -3.21
C ALA B 100 15.35 -9.62 -3.01
N TRP B 101 15.46 -9.12 -1.78
CA TRP B 101 15.07 -7.75 -1.45
C TRP B 101 16.27 -6.84 -1.56
N GLN B 102 16.03 -5.61 -2.03
CA GLN B 102 17.08 -4.59 -2.01
C GLN B 102 17.14 -3.94 -0.64
N GLU B 103 18.35 -3.71 -0.16
CA GLU B 103 18.57 -3.05 1.13
C GLU B 103 19.82 -2.19 1.03
N ILE B 104 19.67 -0.90 1.27
CA ILE B 104 20.81 0.00 1.27
C ILE B 104 21.69 -0.30 2.48
N MET B 105 22.97 -0.56 2.23
CA MET B 105 23.95 -0.85 3.28
C MET B 105 25.13 0.08 3.11
N TYR B 106 25.24 1.07 4.00
CA TYR B 106 26.34 2.03 3.96
C TYR B 106 26.43 2.71 2.60
N GLY B 107 25.28 3.20 2.12
CA GLY B 107 25.20 3.89 0.86
C GLY B 107 25.01 3.00 -0.35
N GLU B 108 25.46 1.75 -0.29
CA GLU B 108 25.34 0.84 -1.41
C GLU B 108 24.11 -0.05 -1.25
N ALA B 109 23.46 -0.36 -2.38
CA ALA B 109 22.28 -1.21 -2.39
C ALA B 109 22.69 -2.65 -2.69
N TYR B 110 22.50 -3.53 -1.73
CA TYR B 110 22.80 -4.95 -1.89
C TYR B 110 21.52 -5.75 -2.08
N TRP B 111 21.67 -6.95 -2.64
CA TRP B 111 20.59 -7.91 -2.72
C TRP B 111 20.63 -8.79 -1.48
N ARG B 112 19.52 -8.87 -0.76
CA ARG B 112 19.48 -9.53 0.53
C ARG B 112 18.27 -10.46 0.63
N TYR B 113 18.31 -11.31 1.66
CA TYR B 113 17.15 -12.07 2.12
C TYR B 113 16.60 -13.00 1.06
N TRP B 114 17.48 -13.72 0.37
CA TRP B 114 17.06 -14.76 -0.56
C TRP B 114 17.15 -16.11 0.13
N GLY B 115 16.10 -16.91 0.01
CA GLY B 115 16.09 -18.22 0.63
C GLY B 115 16.49 -19.32 -0.33
N GLN B 116 15.52 -20.11 -0.77
CA GLN B 116 15.76 -21.23 -1.67
C GLN B 116 15.38 -20.82 -3.09
N GLY B 117 16.25 -21.13 -4.04
CA GLY B 117 15.95 -20.88 -5.44
C GLY B 117 15.19 -22.03 -6.07
N THR B 118 14.63 -21.76 -7.24
CA THR B 118 13.94 -22.77 -8.04
C THR B 118 14.82 -23.10 -9.25
N GLN B 119 15.06 -24.39 -9.47
CA GLN B 119 15.95 -24.79 -10.54
C GLN B 119 15.24 -24.67 -11.88
N VAL B 120 15.97 -24.14 -12.87
CA VAL B 120 15.47 -24.00 -14.23
C VAL B 120 16.46 -24.67 -15.17
N THR B 121 15.94 -25.56 -16.02
CA THR B 121 16.76 -26.26 -17.01
C THR B 121 16.10 -26.13 -18.36
N VAL B 122 16.79 -25.50 -19.30
CA VAL B 122 16.33 -25.36 -20.67
C VAL B 122 17.22 -26.21 -21.55
N SER B 123 16.65 -27.23 -22.18
CA SER B 123 17.41 -28.16 -23.00
C SER B 123 16.43 -29.02 -23.77
N SER B 124 16.91 -29.54 -24.91
CA SER B 124 16.11 -30.45 -25.70
C SER B 124 15.89 -31.76 -24.96
N GLU B 125 14.80 -32.45 -25.29
CA GLU B 125 14.45 -33.72 -24.69
C GLU B 125 14.28 -34.83 -25.72
N ASN B 126 14.43 -34.53 -27.00
CA ASN B 126 14.18 -35.49 -28.07
C ASN B 126 15.46 -35.77 -28.87
N LEU B 127 16.62 -35.68 -28.23
CA LEU B 127 17.90 -35.96 -28.86
C LEU B 127 18.57 -37.12 -28.14
N TYR B 128 19.14 -38.04 -28.92
CA TYR B 128 19.68 -39.28 -28.38
C TYR B 128 21.01 -39.62 -29.06
N PHE B 129 22.03 -39.88 -28.23
CA PHE B 129 23.30 -40.42 -28.71
C PHE B 129 23.82 -41.34 -27.63
N GLN B 130 24.10 -42.58 -27.98
CA GLN B 130 24.46 -43.59 -26.99
C GLN B 130 25.89 -43.42 -26.49
N VAL C 4 -35.53 -13.22 4.60
CA VAL C 4 -34.85 -12.49 5.67
C VAL C 4 -33.34 -12.58 5.51
N GLN C 5 -32.70 -11.43 5.25
CA GLN C 5 -31.26 -11.38 5.09
C GLN C 5 -30.56 -11.58 6.44
N LEU C 6 -29.31 -12.04 6.37
CA LEU C 6 -28.53 -12.37 7.54
C LEU C 6 -27.48 -11.29 7.78
N GLN C 7 -27.58 -10.62 8.94
CA GLN C 7 -26.69 -9.52 9.27
C GLN C 7 -25.56 -10.02 10.15
N ALA C 8 -24.32 -9.86 9.68
CA ALA C 8 -23.15 -10.12 10.49
C ALA C 8 -22.72 -8.84 11.20
N SER C 9 -22.29 -8.99 12.44
CA SER C 9 -21.84 -7.86 13.24
C SER C 9 -20.74 -8.31 14.18
N GLY C 10 -20.03 -7.34 14.74
CA GLY C 10 -19.01 -7.61 15.73
C GLY C 10 -17.58 -7.45 15.27
N GLY C 11 -17.35 -6.94 14.07
CA GLY C 11 -16.01 -6.72 13.59
C GLY C 11 -15.33 -5.55 14.29
N GLY C 12 -14.22 -5.14 13.70
CA GLY C 12 -13.49 -3.99 14.20
C GLY C 12 -12.02 -4.13 13.88
N PHE C 13 -11.21 -3.42 14.66
CA PHE C 13 -9.77 -3.46 14.56
C PHE C 13 -9.20 -4.37 15.63
N VAL C 14 -8.28 -5.25 15.25
CA VAL C 14 -7.65 -6.17 16.18
C VAL C 14 -6.18 -6.31 15.81
N GLN C 15 -5.40 -6.83 16.74
CA GLN C 15 -3.97 -7.01 16.55
C GLN C 15 -3.62 -8.48 16.40
N PRO C 16 -2.57 -8.81 15.65
CA PRO C 16 -2.18 -10.21 15.46
C PRO C 16 -2.06 -10.95 16.78
N GLY C 17 -2.70 -12.11 16.86
CA GLY C 17 -2.79 -12.85 18.10
C GLY C 17 -3.96 -12.47 18.98
N GLY C 18 -4.90 -11.67 18.48
CA GLY C 18 -6.03 -11.23 19.26
C GLY C 18 -7.29 -12.04 18.99
N SER C 19 -8.32 -11.73 19.76
CA SER C 19 -9.60 -12.41 19.67
C SER C 19 -10.70 -11.41 19.31
N LEU C 20 -11.81 -11.96 18.81
CA LEU C 20 -12.97 -11.17 18.41
C LEU C 20 -14.11 -12.13 18.10
N ARG C 21 -15.33 -11.73 18.42
CA ARG C 21 -16.50 -12.58 18.25
C ARG C 21 -17.53 -11.89 17.38
N LEU C 22 -17.80 -12.47 16.22
CA LEU C 22 -18.91 -12.02 15.39
C LEU C 22 -20.19 -12.73 15.81
N SER C 23 -21.31 -12.19 15.35
CA SER C 23 -22.61 -12.77 15.61
C SER C 23 -23.49 -12.58 14.39
N CYS C 24 -24.26 -13.61 14.04
CA CYS C 24 -25.15 -13.57 12.90
C CYS C 24 -26.58 -13.73 13.39
N ALA C 25 -27.40 -12.71 13.18
CA ALA C 25 -28.80 -12.76 13.59
C ALA C 25 -29.67 -13.21 12.43
N ALA C 26 -30.61 -14.10 12.73
CA ALA C 26 -31.54 -14.60 11.73
C ALA C 26 -32.90 -13.92 11.88
N ASP C 34 -31.38 -26.89 9.44
CA ASP C 34 -30.76 -25.68 8.89
C ASP C 34 -29.26 -25.70 9.08
N ILE C 35 -28.53 -25.18 8.09
CA ILE C 35 -27.09 -25.13 8.13
C ILE C 35 -26.65 -23.69 7.87
N MET C 36 -25.97 -23.10 8.86
CA MET C 36 -25.48 -21.74 8.73
C MET C 36 -23.99 -21.77 8.42
N GLY C 37 -23.58 -20.98 7.44
CA GLY C 37 -22.19 -20.90 7.07
C GLY C 37 -21.59 -19.53 7.26
N TRP C 38 -20.27 -19.45 7.35
CA TRP C 38 -19.55 -18.19 7.42
C TRP C 38 -18.52 -18.16 6.31
N PHE C 39 -18.51 -17.07 5.54
CA PHE C 39 -17.46 -16.84 4.54
C PHE C 39 -16.99 -15.40 4.64
N ARG C 40 -15.71 -15.21 4.34
CA ARG C 40 -15.10 -13.89 4.33
C ARG C 40 -14.64 -13.55 2.92
N GLN C 41 -14.67 -12.26 2.59
CA GLN C 41 -14.18 -11.77 1.32
C GLN C 41 -13.06 -10.77 1.58
N ALA C 42 -11.87 -11.10 1.15
CA ALA C 42 -10.77 -10.16 1.27
C ALA C 42 -10.79 -9.20 0.08
N PRO C 43 -10.51 -7.91 0.29
CA PRO C 43 -10.51 -6.96 -0.82
C PRO C 43 -9.51 -7.33 -1.89
N GLY C 44 -10.02 -7.75 -3.05
CA GLY C 44 -9.21 -8.18 -4.17
C GLY C 44 -9.22 -9.68 -4.40
N LYS C 45 -9.49 -10.47 -3.35
CA LYS C 45 -9.51 -11.91 -3.47
C LYS C 45 -10.93 -12.40 -3.74
N GLU C 46 -11.08 -13.72 -3.74
CA GLU C 46 -12.38 -14.35 -3.93
C GLU C 46 -13.00 -14.69 -2.57
N ARG C 47 -14.29 -15.01 -2.61
CA ARG C 47 -14.99 -15.43 -1.40
C ARG C 47 -14.41 -16.73 -0.88
N GLU C 48 -14.02 -16.73 0.38
CA GLU C 48 -13.44 -17.90 1.03
C GLU C 48 -14.39 -18.37 2.12
N PHE C 49 -14.95 -19.57 1.94
CA PHE C 49 -15.76 -20.16 3.00
C PHE C 49 -14.89 -20.38 4.23
N VAL C 50 -15.48 -20.19 5.40
CA VAL C 50 -14.70 -20.17 6.64
C VAL C 50 -15.18 -21.24 7.61
N SER C 51 -16.46 -21.22 7.95
CA SER C 51 -16.96 -22.12 9.00
C SER C 51 -18.45 -22.34 8.80
N ALA C 52 -18.94 -23.47 9.29
CA ALA C 52 -20.35 -23.81 9.22
C ALA C 52 -20.76 -24.52 10.50
N ILE C 53 -22.08 -24.59 10.71
CA ILE C 53 -22.65 -25.28 11.86
C ILE C 53 -24.02 -25.79 11.48
N SER C 54 -24.38 -26.94 12.04
CA SER C 54 -25.66 -27.56 11.79
C SER C 54 -26.62 -27.23 12.92
N TYR C 55 -27.85 -26.85 12.57
CA TYR C 55 -28.87 -26.59 13.58
C TYR C 55 -29.42 -27.87 14.19
N GLU C 56 -29.00 -29.03 13.71
CA GLU C 56 -29.43 -30.29 14.30
C GLU C 56 -28.83 -30.43 15.69
N PRO C 57 -29.62 -30.80 16.70
CA PRO C 57 -29.06 -31.05 18.03
C PRO C 57 -27.90 -32.03 17.94
N GLY C 58 -26.92 -31.86 18.82
CA GLY C 58 -25.62 -32.43 18.56
C GLY C 58 -25.03 -31.73 17.35
N GLY C 59 -24.81 -32.46 16.27
CA GLY C 59 -24.40 -31.88 15.02
C GLY C 59 -22.90 -31.60 14.97
N TRP C 60 -22.44 -31.31 13.76
CA TRP C 60 -21.03 -31.09 13.49
C TRP C 60 -20.69 -29.61 13.45
N HIS C 61 -19.42 -29.30 13.66
CA HIS C 61 -18.86 -27.97 13.48
C HIS C 61 -17.73 -28.07 12.47
N TYR C 62 -17.87 -27.37 11.35
CA TYR C 62 -16.87 -27.41 10.30
C TYR C 62 -16.10 -26.10 10.25
N TYR C 63 -14.78 -26.19 10.14
CA TYR C 63 -13.90 -25.05 9.96
C TYR C 63 -12.96 -25.32 8.80
N ALA C 64 -12.76 -24.32 7.95
CA ALA C 64 -11.81 -24.45 6.86
C ALA C 64 -10.39 -24.64 7.41
N ASP C 65 -9.52 -25.16 6.55
CA ASP C 65 -8.17 -25.49 7.00
C ASP C 65 -7.40 -24.24 7.43
N SER C 66 -7.67 -23.10 6.80
CA SER C 66 -6.96 -21.87 7.17
C SER C 66 -7.29 -21.44 8.59
N VAL C 67 -8.54 -21.67 9.03
CA VAL C 67 -8.99 -21.22 10.33
C VAL C 67 -9.18 -22.35 11.32
N LYS C 68 -9.06 -23.61 10.89
CA LYS C 68 -9.29 -24.74 11.79
C LYS C 68 -8.29 -24.71 12.94
N GLY C 69 -8.81 -24.68 14.16
CA GLY C 69 -8.01 -24.62 15.36
C GLY C 69 -8.01 -23.26 16.02
N ARG C 70 -8.22 -22.20 15.25
CA ARG C 70 -8.27 -20.84 15.78
C ARG C 70 -9.68 -20.31 15.92
N PHE C 71 -10.62 -20.78 15.10
CA PHE C 71 -11.99 -20.32 15.13
C PHE C 71 -12.86 -21.29 15.93
N THR C 72 -14.06 -20.83 16.30
CA THR C 72 -14.98 -21.64 17.09
C THR C 72 -16.38 -21.13 16.83
N ILE C 73 -17.15 -21.91 16.08
CA ILE C 73 -18.54 -21.56 15.81
C ILE C 73 -19.40 -22.20 16.89
N SER C 74 -20.53 -21.55 17.17
CA SER C 74 -21.46 -21.99 18.20
C SER C 74 -22.83 -21.44 17.85
N ARG C 75 -23.81 -21.69 18.72
CA ARG C 75 -25.17 -21.29 18.42
C ARG C 75 -25.92 -21.05 19.73
N ASP C 76 -26.77 -20.02 19.72
CA ASP C 76 -27.60 -19.68 20.86
C ASP C 76 -29.01 -19.42 20.32
N ASN C 77 -29.86 -20.44 20.35
CA ASN C 77 -31.20 -20.30 19.80
C ASN C 77 -32.11 -19.46 20.69
N SER C 78 -31.78 -19.34 21.98
CA SER C 78 -32.54 -18.45 22.85
C SER C 78 -32.51 -17.02 22.34
N LYS C 79 -31.40 -16.61 21.72
CA LYS C 79 -31.29 -15.32 21.07
C LYS C 79 -31.37 -15.42 19.55
N ASN C 80 -31.42 -16.63 19.00
CA ASN C 80 -31.45 -16.86 17.55
C ASN C 80 -30.24 -16.23 16.87
N THR C 81 -29.05 -16.60 17.36
CA THR C 81 -27.83 -15.98 16.89
C THR C 81 -26.72 -17.01 16.84
N VAL C 82 -26.02 -17.08 15.72
CA VAL C 82 -24.82 -17.90 15.58
C VAL C 82 -23.61 -17.01 15.74
N TYR C 83 -22.64 -17.45 16.53
CA TYR C 83 -21.42 -16.70 16.80
C TYR C 83 -20.25 -17.35 16.08
N LEU C 84 -19.29 -16.51 15.69
CA LEU C 84 -18.00 -16.97 15.17
C LEU C 84 -16.94 -16.35 16.06
N GLN C 85 -16.39 -17.15 16.97
CA GLN C 85 -15.34 -16.70 17.87
C GLN C 85 -13.99 -17.02 17.26
N MET C 86 -13.27 -15.99 16.84
CA MET C 86 -11.93 -16.17 16.27
C MET C 86 -10.87 -15.80 17.28
N ASN C 87 -9.82 -16.61 17.33
CA ASN C 87 -8.70 -16.40 18.23
C ASN C 87 -7.41 -16.54 17.43
N SER C 88 -6.29 -16.13 18.06
CA SER C 88 -4.99 -16.15 17.41
C SER C 88 -5.05 -15.53 16.01
N LEU C 89 -5.74 -14.39 15.91
CA LEU C 89 -5.96 -13.77 14.61
C LEU C 89 -4.64 -13.36 13.97
N ARG C 90 -4.58 -13.49 12.65
CA ARG C 90 -3.39 -13.16 11.88
C ARG C 90 -3.77 -12.17 10.80
N ALA C 91 -2.75 -11.60 10.14
CA ALA C 91 -3.00 -10.60 9.12
C ALA C 91 -3.82 -11.14 7.96
N GLU C 92 -3.81 -12.46 7.74
CA GLU C 92 -4.56 -13.06 6.65
C GLU C 92 -6.04 -13.19 6.95
N ASP C 93 -6.46 -12.99 8.18
CA ASP C 93 -7.88 -12.99 8.52
C ASP C 93 -8.57 -11.70 8.14
N THR C 94 -7.83 -10.69 7.70
CA THR C 94 -8.40 -9.38 7.37
C THR C 94 -9.30 -9.52 6.15
N ALA C 95 -10.60 -9.32 6.35
CA ALA C 95 -11.59 -9.43 5.28
C ALA C 95 -12.92 -8.97 5.85
N THR C 96 -13.90 -8.82 4.96
CA THR C 96 -15.28 -8.57 5.36
C THR C 96 -15.99 -9.92 5.49
N TYR C 97 -16.49 -10.20 6.69
CA TYR C 97 -17.05 -11.51 7.02
C TYR C 97 -18.56 -11.50 6.87
N TYR C 98 -19.10 -12.55 6.26
CA TYR C 98 -20.53 -12.69 6.05
C TYR C 98 -21.01 -14.02 6.61
N CYS C 99 -22.32 -14.14 6.75
CA CYS C 99 -22.98 -15.37 7.19
C CYS C 99 -24.17 -15.64 6.29
N ALA C 100 -24.35 -16.90 5.90
CA ALA C 100 -25.35 -17.26 4.91
C ALA C 100 -26.09 -18.52 5.33
N TRP C 101 -27.26 -18.72 4.73
CA TRP C 101 -28.02 -19.96 4.86
C TRP C 101 -27.64 -20.89 3.71
N GLN C 102 -27.47 -22.17 4.02
CA GLN C 102 -27.32 -23.15 2.96
C GLN C 102 -28.70 -23.51 2.42
N GLU C 103 -28.86 -23.40 1.11
CA GLU C 103 -30.10 -23.78 0.44
C GLU C 103 -29.76 -24.64 -0.76
N ILE C 104 -30.54 -25.71 -0.96
CA ILE C 104 -30.35 -26.61 -2.09
C ILE C 104 -30.92 -25.94 -3.34
N MET C 105 -30.04 -25.62 -4.28
CA MET C 105 -30.42 -24.93 -5.51
C MET C 105 -29.83 -25.65 -6.70
N TYR C 106 -30.66 -25.90 -7.72
CA TYR C 106 -30.23 -26.58 -8.95
C TYR C 106 -29.57 -27.91 -8.65
N GLY C 107 -30.03 -28.60 -7.60
CA GLY C 107 -29.48 -29.86 -7.19
C GLY C 107 -28.20 -29.80 -6.40
N GLU C 108 -27.68 -28.59 -6.11
CA GLU C 108 -26.45 -28.42 -5.37
C GLU C 108 -26.69 -27.50 -4.18
N ALA C 109 -25.70 -27.38 -3.31
CA ALA C 109 -25.81 -26.58 -2.10
C ALA C 109 -25.17 -25.21 -2.33
N TYR C 110 -25.98 -24.17 -2.25
CA TYR C 110 -25.52 -22.79 -2.38
C TYR C 110 -25.69 -22.07 -1.04
N TRP C 111 -24.70 -21.26 -0.69
CA TRP C 111 -24.85 -20.34 0.43
C TRP C 111 -25.71 -19.17 -0.02
N ARG C 112 -26.76 -18.87 0.76
CA ARG C 112 -27.77 -17.90 0.34
C ARG C 112 -28.08 -16.93 1.47
N TYR C 113 -28.72 -15.82 1.09
CA TYR C 113 -29.39 -14.89 1.98
C TYR C 113 -28.44 -14.14 2.92
N TRP C 114 -27.17 -13.99 2.55
CA TRP C 114 -26.29 -13.12 3.33
C TRP C 114 -26.63 -11.66 3.08
N GLY C 115 -26.49 -10.84 4.12
CA GLY C 115 -26.85 -9.44 4.02
C GLY C 115 -25.71 -8.49 4.31
N GLN C 116 -25.73 -7.88 5.49
CA GLN C 116 -24.67 -6.96 5.89
C GLN C 116 -23.43 -7.74 6.29
N GLY C 117 -22.30 -7.38 5.70
CA GLY C 117 -21.03 -7.87 6.19
C GLY C 117 -20.61 -7.13 7.45
N THR C 118 -19.53 -7.62 8.05
CA THR C 118 -18.84 -6.89 9.10
C THR C 118 -17.34 -7.06 8.88
N GLN C 119 -16.64 -5.96 8.71
CA GLN C 119 -15.24 -6.02 8.34
C GLN C 119 -14.39 -6.31 9.57
N VAL C 120 -13.29 -7.02 9.34
CA VAL C 120 -12.33 -7.35 10.37
C VAL C 120 -10.94 -7.08 9.83
N THR C 121 -10.13 -6.34 10.60
CA THR C 121 -8.79 -5.94 10.17
C THR C 121 -7.79 -6.28 11.26
N VAL C 122 -6.77 -7.03 10.90
CA VAL C 122 -5.75 -7.49 11.83
C VAL C 122 -4.44 -6.82 11.44
N SER C 123 -4.08 -5.76 12.16
CA SER C 123 -2.82 -5.05 11.92
C SER C 123 -2.25 -4.61 13.26
N SER C 124 -1.00 -4.98 13.53
CA SER C 124 -0.40 -4.69 14.82
C SER C 124 -0.19 -3.20 15.04
N GLU C 125 0.15 -2.47 13.99
CA GLU C 125 0.48 -1.06 14.07
C GLU C 125 -0.23 -0.30 12.97
N ASN C 126 -0.39 1.00 13.18
CA ASN C 126 -0.93 1.87 12.15
C ASN C 126 0.21 2.27 11.22
N LEU C 127 0.08 1.91 9.95
CA LEU C 127 1.06 2.24 8.93
C LEU C 127 0.50 3.29 7.99
N TYR C 128 1.39 4.13 7.47
CA TYR C 128 0.99 5.25 6.63
C TYR C 128 1.80 5.27 5.35
N PHE C 129 1.12 5.53 4.24
CA PHE C 129 1.74 5.62 2.92
C PHE C 129 0.75 6.31 1.99
N GLN C 130 1.11 7.47 1.46
CA GLN C 130 0.17 8.26 0.67
C GLN C 130 -0.16 7.61 -0.66
N VAL D 4 -5.54 20.38 -9.26
CA VAL D 4 -4.58 19.86 -10.22
C VAL D 4 -3.31 19.40 -9.52
N GLN D 5 -2.85 18.20 -9.84
CA GLN D 5 -1.61 17.65 -9.31
C GLN D 5 -0.66 17.36 -10.47
N LEU D 6 0.63 17.31 -10.14
CA LEU D 6 1.66 17.05 -11.13
C LEU D 6 2.23 15.65 -10.91
N GLN D 7 2.33 14.89 -12.00
CA GLN D 7 2.71 13.49 -11.95
C GLN D 7 4.06 13.31 -12.64
N ALA D 8 5.11 13.14 -11.85
CA ALA D 8 6.41 12.81 -12.42
C ALA D 8 6.37 11.43 -13.05
N SER D 9 7.24 11.22 -14.02
CA SER D 9 7.27 9.95 -14.74
C SER D 9 8.62 9.79 -15.40
N GLY D 10 9.06 8.54 -15.51
CA GLY D 10 10.35 8.23 -16.10
C GLY D 10 11.39 7.69 -15.15
N GLY D 11 11.03 7.37 -13.91
CA GLY D 11 11.97 6.80 -12.98
C GLY D 11 12.26 5.35 -13.28
N GLY D 12 13.33 4.85 -12.67
CA GLY D 12 13.72 3.46 -12.88
C GLY D 12 15.00 3.15 -12.15
N PHE D 13 15.62 2.05 -12.55
CA PHE D 13 16.88 1.60 -11.97
C PHE D 13 18.01 1.92 -12.94
N VAL D 14 19.12 2.39 -12.40
CA VAL D 14 20.28 2.78 -13.20
C VAL D 14 21.53 2.49 -12.39
N GLN D 15 22.60 2.06 -13.07
CA GLN D 15 23.86 1.86 -12.37
C GLN D 15 24.60 3.19 -12.24
N PRO D 16 25.44 3.33 -11.21
CA PRO D 16 26.22 4.57 -11.06
C PRO D 16 26.95 4.93 -12.35
N GLY D 17 26.88 6.22 -12.69
CA GLY D 17 27.42 6.71 -13.94
C GLY D 17 26.44 6.78 -15.08
N GLY D 18 25.18 6.41 -14.85
CA GLY D 18 24.19 6.35 -15.90
C GLY D 18 23.34 7.60 -16.00
N SER D 19 22.42 7.57 -16.96
CA SER D 19 21.54 8.67 -17.28
C SER D 19 20.08 8.27 -17.11
N LEU D 20 19.25 9.25 -16.77
CA LEU D 20 17.81 9.04 -16.72
C LEU D 20 17.13 10.38 -16.91
N ARG D 21 16.15 10.43 -17.81
CA ARG D 21 15.39 11.64 -18.09
C ARG D 21 13.99 11.46 -17.52
N LEU D 22 13.67 12.23 -16.48
CA LEU D 22 12.33 12.20 -15.94
C LEU D 22 11.38 12.98 -16.84
N SER D 23 10.13 13.08 -16.42
CA SER D 23 9.13 13.74 -17.24
C SER D 23 8.00 14.20 -16.34
N CYS D 24 7.48 15.39 -16.63
CA CYS D 24 6.34 15.93 -15.89
C CYS D 24 5.56 16.84 -16.83
N ALA D 25 4.31 16.47 -17.12
CA ALA D 25 3.44 17.31 -17.92
C ALA D 25 3.09 18.57 -17.13
N ALA D 26 3.42 19.74 -17.70
CA ALA D 26 3.20 21.02 -17.02
C ALA D 26 1.71 21.38 -17.13
N SER D 27 0.88 20.64 -16.42
CA SER D 27 -0.56 20.86 -16.47
C SER D 27 -1.00 21.92 -15.46
N THR D 30 0.51 28.56 -16.53
CA THR D 30 -0.03 29.91 -16.59
C THR D 30 1.04 30.95 -16.34
N SER D 31 0.62 32.18 -16.06
CA SER D 31 1.54 33.23 -15.64
C SER D 31 1.65 33.33 -14.13
N GLU D 32 0.58 32.95 -13.41
CA GLU D 32 0.65 32.90 -11.95
C GLU D 32 1.35 31.63 -11.48
N ARG D 33 1.22 30.54 -12.22
CA ARG D 33 1.94 29.30 -11.98
C ARG D 33 2.85 29.07 -13.18
N ASP D 34 4.07 29.61 -13.10
CA ASP D 34 5.02 29.49 -14.20
C ASP D 34 6.41 29.08 -13.72
N ILE D 35 6.51 28.51 -12.53
CA ILE D 35 7.78 28.04 -11.98
C ILE D 35 7.56 26.62 -11.49
N MET D 36 8.13 25.64 -12.19
CA MET D 36 8.03 24.24 -11.78
C MET D 36 9.23 23.87 -10.91
N GLY D 37 8.96 23.22 -9.79
CA GLY D 37 9.99 22.77 -8.88
C GLY D 37 10.13 21.26 -8.92
N TRP D 38 11.38 20.80 -8.83
CA TRP D 38 11.68 19.37 -8.72
C TRP D 38 12.34 19.14 -7.37
N PHE D 39 11.74 18.26 -6.57
CA PHE D 39 12.34 17.85 -5.32
C PHE D 39 12.29 16.34 -5.21
N ARG D 40 13.25 15.79 -4.47
CA ARG D 40 13.34 14.36 -4.24
C ARG D 40 13.29 14.08 -2.74
N GLN D 41 12.81 12.90 -2.38
CA GLN D 41 12.70 12.48 -0.99
C GLN D 41 13.33 11.11 -0.83
N ALA D 42 14.48 11.06 -0.17
CA ALA D 42 15.18 9.82 0.13
C ALA D 42 14.34 8.97 1.06
N PRO D 43 14.66 7.69 1.25
CA PRO D 43 13.87 6.85 2.17
C PRO D 43 13.68 7.46 3.55
N GLY D 44 14.76 7.81 4.24
CA GLY D 44 14.63 8.35 5.59
C GLY D 44 15.16 9.76 5.76
N LYS D 45 15.02 10.58 4.72
CA LYS D 45 15.46 11.97 4.77
C LYS D 45 14.30 12.88 4.41
N GLU D 46 14.53 14.19 4.56
CA GLU D 46 13.52 15.18 4.25
C GLU D 46 13.68 15.64 2.81
N ARG D 47 12.59 16.19 2.27
CA ARG D 47 12.55 16.60 0.86
C ARG D 47 13.70 17.54 0.53
N GLU D 48 14.47 17.18 -0.49
CA GLU D 48 15.57 18.00 -0.97
C GLU D 48 15.16 18.64 -2.29
N PHE D 49 15.32 19.96 -2.36
CA PHE D 49 15.05 20.66 -3.62
C PHE D 49 16.16 20.35 -4.61
N VAL D 50 15.76 20.06 -5.85
CA VAL D 50 16.70 19.58 -6.87
C VAL D 50 16.91 20.62 -7.97
N SER D 51 15.83 21.06 -8.62
CA SER D 51 15.96 21.94 -9.77
C SER D 51 14.63 22.62 -10.02
N ALA D 52 14.71 23.79 -10.66
CA ALA D 52 13.52 24.56 -11.00
C ALA D 52 13.70 25.21 -12.36
N ILE D 53 12.58 25.47 -13.01
CA ILE D 53 12.56 26.15 -14.30
C ILE D 53 11.48 27.21 -14.29
N SER D 54 11.77 28.35 -14.90
CA SER D 54 10.76 29.36 -15.14
C SER D 54 10.03 29.02 -16.43
N TYR D 55 8.72 28.80 -16.33
CA TYR D 55 7.94 28.42 -17.51
C TYR D 55 7.50 29.65 -18.30
N GLU D 56 8.47 30.49 -18.63
CA GLU D 56 8.22 31.73 -19.34
C GLU D 56 9.39 31.95 -20.29
N PRO D 57 9.19 32.60 -21.43
CA PRO D 57 10.26 32.70 -22.42
C PRO D 57 11.45 33.49 -21.88
N GLY D 58 12.65 33.00 -22.20
CA GLY D 58 13.85 33.57 -21.62
C GLY D 58 14.02 33.31 -20.15
N GLY D 59 13.18 32.46 -19.55
CA GLY D 59 13.28 32.15 -18.15
C GLY D 59 14.58 31.46 -17.79
N TRP D 60 14.80 31.36 -16.48
CA TRP D 60 16.04 30.81 -15.95
C TRP D 60 15.94 29.30 -15.76
N HIS D 61 17.10 28.68 -15.53
CA HIS D 61 17.21 27.30 -15.09
C HIS D 61 17.99 27.29 -13.78
N TYR D 62 17.38 26.81 -12.71
CA TYR D 62 18.05 26.72 -11.42
C TYR D 62 18.38 25.28 -11.10
N TYR D 63 19.58 25.06 -10.57
CA TYR D 63 20.05 23.75 -10.17
C TYR D 63 20.63 23.83 -8.77
N ALA D 64 20.11 23.01 -7.86
CA ALA D 64 20.72 22.86 -6.55
C ALA D 64 22.17 22.43 -6.72
N ASP D 65 23.02 22.85 -5.78
CA ASP D 65 24.45 22.60 -5.93
C ASP D 65 24.76 21.11 -5.91
N SER D 66 23.89 20.31 -5.27
CA SER D 66 24.12 18.86 -5.22
C SER D 66 23.98 18.22 -6.60
N VAL D 67 23.17 18.81 -7.48
CA VAL D 67 22.92 18.26 -8.80
C VAL D 67 23.46 19.17 -9.90
N LYS D 68 24.17 20.24 -9.53
CA LYS D 68 24.70 21.16 -10.54
C LYS D 68 25.64 20.41 -11.47
N GLY D 69 25.51 20.69 -12.75
CA GLY D 69 26.43 20.16 -13.74
C GLY D 69 26.04 18.79 -14.26
N ARG D 70 25.40 17.99 -13.40
CA ARG D 70 24.95 16.67 -13.78
C ARG D 70 23.51 16.66 -14.28
N PHE D 71 22.66 17.48 -13.70
CA PHE D 71 21.25 17.53 -14.08
C PHE D 71 21.02 18.64 -15.09
N THR D 72 20.01 18.46 -15.93
CA THR D 72 19.66 19.44 -16.97
C THR D 72 18.14 19.53 -17.04
N ILE D 73 17.59 20.60 -16.45
CA ILE D 73 16.18 20.88 -16.62
C ILE D 73 15.99 21.61 -17.95
N SER D 74 14.82 21.41 -18.54
CA SER D 74 14.48 21.99 -19.84
C SER D 74 13.00 21.73 -20.07
N ARG D 75 12.53 22.07 -21.27
CA ARG D 75 11.16 21.82 -21.68
C ARG D 75 11.15 21.39 -23.13
N ASP D 76 10.03 20.81 -23.56
CA ASP D 76 9.91 20.36 -24.93
C ASP D 76 9.65 21.54 -25.86
N ASN D 77 10.17 21.43 -27.09
CA ASN D 77 9.97 22.48 -28.07
C ASN D 77 8.52 22.56 -28.53
N SER D 78 7.75 21.48 -28.40
CA SER D 78 6.40 21.44 -28.91
C SER D 78 5.37 20.86 -27.96
N LYS D 79 5.79 20.29 -26.82
CA LYS D 79 4.86 19.69 -25.89
C LYS D 79 4.83 20.47 -24.59
N ASN D 80 3.78 20.22 -23.81
CA ASN D 80 3.57 20.87 -22.51
C ASN D 80 4.20 20.02 -21.40
N THR D 81 5.52 19.83 -21.52
CA THR D 81 6.24 18.87 -20.71
C THR D 81 7.60 19.43 -20.33
N VAL D 82 7.97 19.26 -19.06
CA VAL D 82 9.28 19.63 -18.53
C VAL D 82 10.06 18.35 -18.26
N TYR D 83 11.31 18.32 -18.71
CA TYR D 83 12.17 17.14 -18.54
C TYR D 83 13.28 17.45 -17.56
N LEU D 84 13.64 16.44 -16.76
CA LEU D 84 14.78 16.51 -15.84
C LEU D 84 15.77 15.44 -16.27
N GLN D 85 16.64 15.79 -17.22
CA GLN D 85 17.68 14.89 -17.69
C GLN D 85 18.78 14.81 -16.65
N MET D 86 18.86 13.68 -15.95
CA MET D 86 19.86 13.47 -14.91
C MET D 86 20.93 12.52 -15.44
N ASN D 87 22.12 13.05 -15.71
CA ASN D 87 23.26 12.26 -16.13
C ASN D 87 24.26 12.18 -14.97
N SER D 88 25.31 11.38 -15.18
CA SER D 88 26.33 11.13 -14.17
C SER D 88 25.70 10.76 -12.84
N LEU D 89 24.66 9.93 -12.90
CA LEU D 89 23.87 9.64 -11.72
C LEU D 89 24.70 8.94 -10.65
N ARG D 90 24.39 9.24 -9.41
CA ARG D 90 25.09 8.69 -8.25
C ARG D 90 24.09 8.01 -7.33
N ALA D 91 24.63 7.29 -6.34
CA ALA D 91 23.77 6.60 -5.38
C ALA D 91 22.99 7.58 -4.52
N GLU D 92 23.57 8.75 -4.23
CA GLU D 92 22.88 9.74 -3.43
C GLU D 92 21.64 10.30 -4.13
N ASP D 93 21.57 10.17 -5.46
CA ASP D 93 20.41 10.60 -6.22
C ASP D 93 19.28 9.57 -6.21
N THR D 94 19.35 8.57 -5.33
CA THR D 94 18.32 7.55 -5.23
C THR D 94 17.21 8.07 -4.31
N ALA D 95 16.06 8.36 -4.88
CA ALA D 95 14.92 8.89 -4.13
C ALA D 95 13.72 8.90 -5.04
N THR D 96 12.58 9.24 -4.47
CA THR D 96 11.35 9.47 -5.25
C THR D 96 11.31 10.93 -5.66
N TYR D 97 11.26 11.18 -6.96
CA TYR D 97 11.32 12.53 -7.50
C TYR D 97 9.92 13.01 -7.85
N TYR D 98 9.58 14.22 -7.40
CA TYR D 98 8.29 14.84 -7.67
C TYR D 98 8.49 16.13 -8.46
N CYS D 99 7.40 16.62 -9.03
CA CYS D 99 7.36 17.93 -9.66
C CYS D 99 6.19 18.71 -9.06
N ALA D 100 6.39 20.01 -8.90
CA ALA D 100 5.41 20.86 -8.24
C ALA D 100 5.32 22.20 -8.96
N TRP D 101 4.25 22.93 -8.68
CA TRP D 101 4.13 24.31 -9.10
C TRP D 101 4.49 25.22 -7.93
N GLN D 102 5.04 26.39 -8.24
CA GLN D 102 5.22 27.41 -7.22
C GLN D 102 3.93 28.19 -7.07
N GLU D 103 3.54 28.45 -5.82
CA GLU D 103 2.38 29.26 -5.53
C GLU D 103 2.73 30.15 -4.34
N ILE D 104 2.52 31.45 -4.49
CA ILE D 104 2.81 32.40 -3.43
C ILE D 104 1.67 32.35 -2.42
N MET D 105 2.01 32.07 -1.17
CA MET D 105 1.03 31.94 -0.10
C MET D 105 1.53 32.70 1.12
N TYR D 106 0.70 33.62 1.62
CA TYR D 106 1.05 34.46 2.77
C TYR D 106 2.35 35.21 2.52
N GLY D 107 2.54 35.69 1.29
CA GLY D 107 3.72 36.43 0.91
C GLY D 107 4.91 35.58 0.57
N GLU D 108 4.97 34.34 1.06
CA GLU D 108 6.08 33.45 0.79
C GLU D 108 5.72 32.47 -0.32
N ALA D 109 6.75 31.91 -0.96
CA ALA D 109 6.59 30.98 -2.06
C ALA D 109 6.65 29.55 -1.56
N TYR D 110 5.67 28.74 -1.96
CA TYR D 110 5.61 27.34 -1.58
C TYR D 110 5.56 26.47 -2.83
N TRP D 111 6.16 25.29 -2.75
CA TRP D 111 5.98 24.29 -3.79
C TRP D 111 4.66 23.56 -3.53
N ARG D 112 3.81 23.50 -4.56
CA ARG D 112 2.44 23.04 -4.40
C ARG D 112 2.08 22.07 -5.52
N TYR D 113 1.00 21.32 -5.28
CA TYR D 113 0.29 20.58 -6.32
C TYR D 113 1.14 19.45 -6.92
N TRP D 114 1.92 18.76 -6.09
CA TRP D 114 2.65 17.59 -6.54
C TRP D 114 1.84 16.33 -6.27
N GLY D 115 1.76 15.46 -7.27
CA GLY D 115 1.05 14.20 -7.17
C GLY D 115 2.00 13.06 -6.85
N GLN D 116 1.75 11.90 -7.46
CA GLN D 116 2.63 10.76 -7.24
C GLN D 116 3.96 11.00 -7.94
N GLY D 117 5.04 10.81 -7.19
CA GLY D 117 6.37 10.94 -7.75
C GLY D 117 6.74 9.73 -8.58
N THR D 118 8.02 9.68 -8.95
CA THR D 118 8.57 8.56 -9.67
C THR D 118 9.84 8.12 -8.97
N GLN D 119 9.96 6.82 -8.74
CA GLN D 119 11.08 6.29 -7.98
C GLN D 119 12.30 6.14 -8.88
N VAL D 120 13.45 6.60 -8.39
CA VAL D 120 14.72 6.47 -9.09
C VAL D 120 15.70 5.78 -8.16
N THR D 121 16.24 4.64 -8.60
CA THR D 121 17.16 3.84 -7.81
C THR D 121 18.47 3.71 -8.56
N VAL D 122 19.57 4.12 -7.93
CA VAL D 122 20.88 4.09 -8.54
C VAL D 122 21.79 3.21 -7.69
N SER D 123 22.26 2.10 -8.28
CA SER D 123 23.14 1.17 -7.58
C SER D 123 23.64 0.14 -8.57
N SER D 124 24.68 -0.59 -8.16
CA SER D 124 25.16 -1.71 -8.95
C SER D 124 24.23 -2.89 -8.77
N GLU D 125 23.91 -3.56 -9.88
CA GLU D 125 22.92 -4.63 -9.86
C GLU D 125 23.50 -5.95 -9.34
N ASN D 126 24.80 -6.15 -9.44
CA ASN D 126 25.40 -7.41 -8.98
C ASN D 126 26.15 -7.21 -7.67
N LEU D 127 25.45 -6.77 -6.64
CA LEU D 127 26.01 -6.66 -5.29
C LEU D 127 25.11 -7.45 -4.36
N TYR D 128 25.69 -8.44 -3.67
CA TYR D 128 24.89 -9.42 -2.94
C TYR D 128 25.36 -9.52 -1.49
N PHE D 129 24.39 -9.62 -0.58
CA PHE D 129 24.67 -9.87 0.84
C PHE D 129 23.41 -10.47 1.45
N GLN D 130 23.44 -11.76 1.76
CA GLN D 130 22.26 -12.44 2.27
C GLN D 130 21.87 -11.96 3.66
S SO4 E . -19.57 -0.23 17.16
O1 SO4 E . -20.27 0.51 16.12
O2 SO4 E . -18.14 -0.25 16.89
O3 SO4 E . -19.79 0.40 18.45
O4 SO4 E . -20.07 -1.59 17.20
S SO4 F . -23.47 5.81 11.84
O1 SO4 F . -22.70 7.01 11.51
O2 SO4 F . -22.59 4.66 11.77
O3 SO4 F . -24.56 5.67 10.88
O4 SO4 F . -24.02 5.91 13.19
S SO4 G . -9.88 31.63 28.74
O1 SO4 G . -8.69 32.38 29.11
O2 SO4 G . -9.85 31.35 27.31
O3 SO4 G . -11.08 32.39 29.07
O4 SO4 G . -9.88 30.38 29.49
S SO4 H . 2.82 -4.92 -13.11
O1 SO4 H . 3.86 -4.81 -14.13
O2 SO4 H . 3.10 -6.00 -12.17
O3 SO4 H . 1.53 -5.12 -13.76
O4 SO4 H . 2.77 -3.69 -12.33
S SO4 I . 8.74 0.69 -16.74
O1 SO4 I . 10.10 1.21 -16.68
O2 SO4 I . 8.51 0.06 -18.03
O3 SO4 I . 7.79 1.79 -16.56
O4 SO4 I . 8.55 -0.29 -15.67
S SO4 J . 20.11 29.70 -17.34
O1 SO4 J . 20.58 28.41 -17.85
O2 SO4 J . 20.94 30.76 -17.88
O3 SO4 J . 18.73 29.91 -17.77
O4 SO4 J . 20.17 29.71 -15.88
#